data_4UAG
#
_entry.id   4UAG
#
_cell.length_a   65.809
_cell.length_b   65.809
_cell.length_c   134.536
_cell.angle_alpha   90.00
_cell.angle_beta   90.00
_cell.angle_gamma   90.00
#
_symmetry.space_group_name_H-M   'P 41'
#
loop_
_entity.id
_entity.type
_entity.pdbx_description
1 polymer 'UDP-N-ACETYLMURAMOYL-L-ALANINE:D-GLUTAMATE LIGASE'
2 non-polymer 'SULFATE ION'
3 non-polymer "URIDINE-5'-DIPHOSPHATE-N-ACETYLMURAMOYL-L-ALANINE-D-GLUTAMATE"
4 non-polymer 'UNKNOWN ATOM OR ION'
5 water water
#
_entity_poly.entity_id   1
_entity_poly.type   'polypeptide(L)'
_entity_poly.pdbx_seq_one_letter_code
;ADYQGKNVVIIGLGLTGLSCVDFFLARGVTPRVMDTRMTPPGLDKLPEAVERHTGSLNDEWLMAADLIVASPGIALAHPS
LSAAADAGIEIVGDIELFCREAQAPIVAITGSNGKSTVTTLVGEMAKAAGVNVGVGGNIGLPALMLLDDECELYVLELSS
FQLETTSSLQAVAATILNVTEDHMDRYPFGLQQYRAA(KCX)LRIYENAKVCVVNADDALTMPIRGADERCVSFGVNMGD
YHLNHQQGETWLRVKGEKVLNVKEMKLSGQHNYTNALAALALADAAGLPRASSLKALTTFTGLPHRFEVVLEHNGVRWIN
DSKATNVGSTEAALNGLHVDGTLHLLLGGDGKSADFSPLARYLNGDNVRLYCFGRDGAQLAALRPEVAEQTETMEQAMRL
LAPRVQPGDMVLLSPACASLDQFKNFEQRGNEFARLAKELG
;
_entity_poly.pdbx_strand_id   A
#
loop_
_chem_comp.id
_chem_comp.type
_chem_comp.name
_chem_comp.formula
SO4 non-polymer 'SULFATE ION' 'O4 S -2'
UAG non-polymer URIDINE-5'-DIPHOSPHATE-N-ACETYLMURAMOYL-L-ALANINE-D-GLUTAMATE 'C28 H43 N5 O23 P2'
UNX non-polymer 'UNKNOWN ATOM OR ION' ?
#
# COMPACT_ATOMS: atom_id res chain seq x y z
N ALA A 1 -9.19 25.89 0.96
CA ALA A 1 -9.41 26.82 -0.20
C ALA A 1 -10.90 27.12 -0.32
N ASP A 2 -11.26 28.03 -1.22
CA ASP A 2 -12.66 28.34 -1.54
C ASP A 2 -12.97 28.00 -3.00
N TYR A 3 -13.91 27.09 -3.20
CA TYR A 3 -14.19 26.54 -4.52
C TYR A 3 -15.49 27.10 -5.09
N GLN A 4 -16.06 28.07 -4.38
CA GLN A 4 -17.34 28.65 -4.74
C GLN A 4 -17.28 29.16 -6.17
N GLY A 5 -18.23 28.69 -6.98
CA GLY A 5 -18.35 29.16 -8.34
C GLY A 5 -17.34 28.63 -9.36
N LYS A 6 -16.49 27.70 -8.94
CA LYS A 6 -15.51 27.11 -9.86
C LYS A 6 -16.07 25.91 -10.63
N ASN A 7 -15.62 25.79 -11.87
CA ASN A 7 -15.95 24.67 -12.74
C ASN A 7 -15.04 23.51 -12.31
N VAL A 8 -15.60 22.57 -11.55
CA VAL A 8 -14.83 21.47 -10.99
C VAL A 8 -15.16 20.15 -11.71
N VAL A 9 -14.12 19.48 -12.19
CA VAL A 9 -14.24 18.21 -12.90
C VAL A 9 -13.43 17.15 -12.15
N ILE A 10 -14.09 16.04 -11.81
CA ILE A 10 -13.47 14.92 -11.11
C ILE A 10 -13.29 13.75 -12.07
N ILE A 11 -12.10 13.17 -12.08
CA ILE A 11 -11.83 11.98 -12.86
C ILE A 11 -11.78 10.77 -11.95
N GLY A 12 -12.69 9.83 -12.16
CA GLY A 12 -12.70 8.59 -11.40
C GLY A 12 -14.01 8.45 -10.66
N LEU A 13 -14.69 7.34 -10.89
CA LEU A 13 -15.91 7.03 -10.16
C LEU A 13 -15.68 5.80 -9.30
N GLY A 14 -14.50 5.75 -8.69
CA GLY A 14 -14.26 4.74 -7.68
C GLY A 14 -14.57 5.31 -6.31
N LEU A 15 -13.83 4.83 -5.32
CA LEU A 15 -14.00 5.28 -3.93
C LEU A 15 -13.60 6.74 -3.76
N THR A 16 -12.46 7.11 -4.34
CA THR A 16 -11.95 8.47 -4.26
C THR A 16 -12.88 9.46 -4.94
N GLY A 17 -13.33 9.15 -6.15
CA GLY A 17 -14.16 10.08 -6.91
C GLY A 17 -15.48 10.37 -6.20
N LEU A 18 -16.09 9.33 -5.65
CA LEU A 18 -17.35 9.49 -4.91
C LEU A 18 -17.18 10.35 -3.67
N SER A 19 -16.06 10.20 -2.97
CA SER A 19 -15.79 11.04 -1.81
C SER A 19 -15.56 12.49 -2.22
N CYS A 20 -14.99 12.71 -3.40
CA CYS A 20 -14.76 14.08 -3.87
C CYS A 20 -16.09 14.74 -4.29
N VAL A 21 -16.95 13.95 -4.92
CA VAL A 21 -18.28 14.45 -5.31
C VAL A 21 -19.01 14.95 -4.07
N ASP A 22 -18.98 14.16 -3.01
CA ASP A 22 -19.64 14.58 -1.77
C ASP A 22 -18.96 15.80 -1.17
N PHE A 23 -17.63 15.83 -1.19
CA PHE A 23 -16.86 16.94 -0.63
C PHE A 23 -17.32 18.25 -1.26
N PHE A 24 -17.45 18.26 -2.59
CA PHE A 24 -17.81 19.49 -3.29
C PHE A 24 -19.27 19.87 -3.13
N LEU A 25 -20.16 18.88 -3.17
CA LEU A 25 -21.59 19.13 -2.96
C LEU A 25 -21.87 19.72 -1.57
N ALA A 26 -21.16 19.25 -0.56
CA ALA A 26 -21.36 19.78 0.80
C ALA A 26 -20.92 21.24 0.92
N ARG A 27 -20.18 21.72 -0.08
CA ARG A 27 -19.63 23.07 -0.08
C ARG A 27 -20.32 24.00 -1.09
N GLY A 28 -21.43 23.51 -1.63
CA GLY A 28 -22.20 24.30 -2.57
C GLY A 28 -21.58 24.38 -3.96
N VAL A 29 -20.86 23.34 -4.35
CA VAL A 29 -20.27 23.25 -5.69
C VAL A 29 -20.67 21.93 -6.32
N THR A 30 -21.35 21.98 -7.47
CA THR A 30 -21.72 20.77 -8.18
C THR A 30 -20.66 20.42 -9.23
N PRO A 31 -19.86 19.37 -8.97
CA PRO A 31 -18.80 18.97 -9.89
C PRO A 31 -19.37 18.17 -11.05
N ARG A 32 -18.59 17.98 -12.10
CA ARG A 32 -18.88 16.97 -13.12
C ARG A 32 -17.87 15.83 -12.94
N VAL A 33 -18.28 14.61 -13.23
CA VAL A 33 -17.40 13.47 -13.01
C VAL A 33 -17.30 12.60 -14.27
N MET A 34 -16.08 12.16 -14.57
CA MET A 34 -15.84 11.30 -15.71
C MET A 34 -15.00 10.11 -15.32
N ASP A 35 -15.01 9.07 -16.15
CA ASP A 35 -14.19 7.88 -15.93
C ASP A 35 -13.99 7.20 -17.28
N THR A 36 -12.78 6.71 -17.55
CA THR A 36 -12.52 6.04 -18.82
C THR A 36 -13.19 4.66 -18.92
N ARG A 37 -13.57 4.09 -17.77
CA ARG A 37 -14.27 2.80 -17.77
C ARG A 37 -15.68 2.98 -18.29
N MET A 38 -16.14 2.05 -19.12
CA MET A 38 -17.49 2.11 -19.68
C MET A 38 -18.53 1.96 -18.58
N THR A 39 -18.27 1.06 -17.64
CA THR A 39 -19.21 0.81 -16.55
C THR A 39 -18.45 0.84 -15.22
N PRO A 40 -18.03 2.04 -14.78
CA PRO A 40 -17.32 2.16 -13.51
C PRO A 40 -18.18 1.70 -12.33
N PRO A 41 -17.53 1.24 -11.26
CA PRO A 41 -18.23 0.61 -10.12
C PRO A 41 -19.14 1.58 -9.35
N GLY A 42 -18.72 2.84 -9.24
CA GLY A 42 -19.45 3.80 -8.43
C GLY A 42 -20.62 4.49 -9.10
N LEU A 43 -20.93 4.08 -10.32
CA LEU A 43 -22.03 4.72 -11.07
C LEU A 43 -23.33 4.72 -10.30
N ASP A 44 -23.65 3.60 -9.65
CA ASP A 44 -24.92 3.43 -8.94
C ASP A 44 -25.02 4.38 -7.77
N LYS A 45 -23.86 4.67 -7.16
CA LYS A 45 -23.82 5.47 -5.93
C LYS A 45 -23.69 6.99 -6.19
N LEU A 46 -23.48 7.35 -7.46
CA LEU A 46 -23.39 8.75 -7.86
C LEU A 46 -24.79 9.37 -7.78
N PRO A 47 -24.94 10.51 -7.06
CA PRO A 47 -26.22 11.24 -7.03
C PRO A 47 -26.74 11.64 -8.40
N GLU A 48 -28.06 11.64 -8.55
CA GLU A 48 -28.69 11.83 -9.87
C GLU A 48 -28.37 13.19 -10.48
N ALA A 49 -28.20 14.18 -9.61
CA ALA A 49 -27.95 15.56 -10.05
C ALA A 49 -26.56 15.81 -10.68
N VAL A 50 -25.64 14.88 -10.45
CA VAL A 50 -24.26 15.10 -10.87
C VAL A 50 -24.08 14.57 -12.29
N GLU A 51 -23.64 15.44 -13.21
CA GLU A 51 -23.34 15.02 -14.57
C GLU A 51 -22.16 14.07 -14.61
N ARG A 52 -22.26 13.01 -15.40
CA ARG A 52 -21.19 12.04 -15.47
C ARG A 52 -20.98 11.63 -16.93
N HIS A 53 -19.76 11.23 -17.21
CA HIS A 53 -19.33 10.84 -18.55
C HIS A 53 -18.48 9.60 -18.38
N THR A 54 -18.82 8.52 -19.07
CA THR A 54 -18.06 7.29 -18.94
C THR A 54 -17.56 6.80 -20.28
N GLY A 55 -16.61 5.88 -20.24
CA GLY A 55 -16.12 5.26 -21.47
C GLY A 55 -14.89 5.94 -22.05
N SER A 56 -14.57 7.13 -21.53
CA SER A 56 -13.45 7.93 -22.01
C SER A 56 -13.30 9.15 -21.11
N LEU A 57 -12.22 9.90 -21.29
CA LEU A 57 -12.14 11.23 -20.71
C LEU A 57 -12.80 12.19 -21.68
N ASN A 58 -13.55 13.16 -21.13
CA ASN A 58 -14.21 14.17 -21.95
C ASN A 58 -13.35 15.45 -21.98
N ASP A 59 -12.73 15.71 -23.13
CA ASP A 59 -11.83 16.86 -23.26
C ASP A 59 -12.56 18.20 -23.23
N GLU A 60 -13.81 18.21 -23.69
CA GLU A 60 -14.64 19.40 -23.60
C GLU A 60 -14.81 19.80 -22.15
N TRP A 61 -15.04 18.81 -21.28
CA TRP A 61 -15.14 19.09 -19.85
C TRP A 61 -13.78 19.46 -19.25
N LEU A 62 -12.73 18.73 -19.63
CA LEU A 62 -11.40 18.98 -19.07
C LEU A 62 -10.85 20.38 -19.37
N MET A 63 -10.97 20.79 -20.62
CA MET A 63 -10.42 22.06 -21.05
C MET A 63 -11.27 23.24 -20.60
N ALA A 64 -12.49 22.96 -20.12
CA ALA A 64 -13.37 24.00 -19.58
C ALA A 64 -13.20 24.19 -18.08
N ALA A 65 -12.53 23.24 -17.44
CA ALA A 65 -12.45 23.20 -15.97
C ALA A 65 -11.62 24.33 -15.40
N ASP A 66 -12.00 24.78 -14.21
CA ASP A 66 -11.13 25.61 -13.39
C ASP A 66 -10.24 24.74 -12.50
N LEU A 67 -10.74 23.57 -12.14
CA LEU A 67 -10.03 22.66 -11.25
C LEU A 67 -10.35 21.23 -11.66
N ILE A 68 -9.31 20.43 -11.89
CA ILE A 68 -9.46 19.02 -12.20
C ILE A 68 -9.00 18.24 -10.97
N VAL A 69 -9.85 17.34 -10.49
CA VAL A 69 -9.50 16.48 -9.35
C VAL A 69 -9.32 15.08 -9.87
N ALA A 70 -8.07 14.64 -9.94
CA ALA A 70 -7.70 13.39 -10.59
C ALA A 70 -7.55 12.28 -9.56
N SER A 71 -8.34 11.22 -9.69
CA SER A 71 -8.16 10.03 -8.84
C SER A 71 -6.77 9.44 -9.07
N PRO A 72 -6.21 8.73 -8.06
CA PRO A 72 -4.86 8.19 -8.18
C PRO A 72 -4.73 7.13 -9.28
N GLY A 73 -5.86 6.59 -9.73
CA GLY A 73 -5.85 5.59 -10.78
C GLY A 73 -5.75 6.11 -12.22
N ILE A 74 -5.69 7.42 -12.43
CA ILE A 74 -5.44 7.95 -13.77
C ILE A 74 -4.07 8.63 -13.80
N ALA A 75 -3.26 8.32 -14.82
CA ALA A 75 -1.92 8.88 -14.88
C ALA A 75 -1.99 10.36 -15.26
N LEU A 76 -1.17 11.17 -14.62
CA LEU A 76 -1.05 12.58 -15.01
C LEU A 76 -0.51 12.69 -16.43
N ALA A 77 0.20 11.67 -16.89
CA ALA A 77 0.77 11.68 -18.23
C ALA A 77 -0.27 11.37 -19.30
N HIS A 78 -1.50 11.09 -18.90
CA HIS A 78 -2.56 10.85 -19.87
C HIS A 78 -2.67 12.08 -20.77
N PRO A 79 -2.69 11.87 -22.10
CA PRO A 79 -2.64 12.98 -23.07
C PRO A 79 -3.68 14.07 -22.80
N SER A 80 -4.89 13.67 -22.41
CA SER A 80 -5.95 14.62 -22.09
C SER A 80 -5.61 15.46 -20.86
N LEU A 81 -4.98 14.84 -19.88
CA LEU A 81 -4.59 15.52 -18.65
C LEU A 81 -3.35 16.41 -18.86
N SER A 82 -2.40 15.92 -19.65
CA SER A 82 -1.24 16.75 -19.96
C SER A 82 -1.63 17.96 -20.80
N ALA A 83 -2.63 17.80 -21.66
CA ALA A 83 -3.16 18.94 -22.42
C ALA A 83 -3.74 19.98 -21.48
N ALA A 84 -4.51 19.54 -20.48
CA ALA A 84 -5.08 20.47 -19.49
C ALA A 84 -3.99 21.18 -18.69
N ALA A 85 -2.97 20.43 -18.26
CA ALA A 85 -1.85 21.01 -17.52
C ALA A 85 -1.10 22.04 -18.37
N ASP A 86 -0.89 21.73 -19.65
CA ASP A 86 -0.25 22.66 -20.56
C ASP A 86 -1.04 23.96 -20.71
N ALA A 87 -2.36 23.87 -20.56
CA ALA A 87 -3.22 25.04 -20.63
C ALA A 87 -3.23 25.80 -19.31
N GLY A 88 -2.51 25.28 -18.33
CA GLY A 88 -2.45 25.91 -17.03
C GLY A 88 -3.65 25.62 -16.16
N ILE A 89 -4.38 24.55 -16.44
CA ILE A 89 -5.52 24.19 -15.60
C ILE A 89 -5.01 23.41 -14.38
N GLU A 90 -5.35 23.89 -13.19
CA GLU A 90 -4.93 23.26 -11.94
C GLU A 90 -5.45 21.83 -11.83
N ILE A 91 -4.55 20.92 -11.47
CA ILE A 91 -4.88 19.52 -11.25
C ILE A 91 -4.41 19.11 -9.85
N VAL A 92 -5.32 18.57 -9.06
CA VAL A 92 -5.00 18.10 -7.72
C VAL A 92 -5.60 16.71 -7.53
N GLY A 93 -5.24 16.04 -6.43
CA GLY A 93 -5.95 14.83 -6.04
C GLY A 93 -6.73 15.03 -4.75
N ASP A 94 -7.35 13.97 -4.26
CA ASP A 94 -8.14 14.05 -3.03
C ASP A 94 -7.26 14.32 -1.80
N ILE A 95 -6.03 13.83 -1.80
CA ILE A 95 -5.12 14.04 -0.67
C ILE A 95 -4.73 15.53 -0.59
N GLU A 96 -4.61 16.17 -1.75
CA GLU A 96 -4.41 17.61 -1.79
C GLU A 96 -5.60 18.36 -1.17
N LEU A 97 -6.81 18.01 -1.59
CA LEU A 97 -8.01 18.65 -1.04
C LEU A 97 -8.08 18.46 0.48
N PHE A 98 -7.73 17.27 0.93
CA PHE A 98 -7.71 16.93 2.35
C PHE A 98 -6.72 17.82 3.14
N CYS A 99 -5.50 17.95 2.63
CA CYS A 99 -4.45 18.73 3.29
C CYS A 99 -4.84 20.18 3.45
N ARG A 100 -5.54 20.71 2.46
CA ARG A 100 -6.00 22.09 2.53
C ARG A 100 -7.03 22.29 3.65
N GLU A 101 -7.72 21.22 4.02
CA GLU A 101 -8.84 21.29 4.96
C GLU A 101 -8.49 20.80 6.36
N ALA A 102 -7.55 19.87 6.45
CA ALA A 102 -7.24 19.21 7.71
C ALA A 102 -6.83 20.22 8.81
N GLN A 103 -7.38 20.03 10.01
CA GLN A 103 -7.09 20.91 11.15
C GLN A 103 -6.46 20.17 12.34
N ALA A 104 -5.70 19.11 12.03
CA ALA A 104 -4.89 18.36 13.00
C ALA A 104 -3.60 17.94 12.29
N PRO A 105 -2.53 17.67 13.04
CA PRO A 105 -1.28 17.19 12.42
C PRO A 105 -1.48 15.90 11.62
N ILE A 106 -0.69 15.76 10.57
CA ILE A 106 -0.74 14.57 9.71
C ILE A 106 0.58 13.82 9.76
N VAL A 107 0.51 12.53 10.05
CA VAL A 107 1.64 11.61 9.88
C VAL A 107 1.43 10.96 8.52
N ALA A 108 2.43 11.04 7.65
CA ALA A 108 2.27 10.52 6.29
C ALA A 108 3.29 9.43 6.00
N ILE A 109 2.81 8.32 5.46
CA ILE A 109 3.63 7.12 5.29
C ILE A 109 3.50 6.56 3.87
N THR A 110 4.63 6.41 3.20
CA THR A 110 4.66 5.72 1.92
C THR A 110 5.81 4.72 1.89
N GLY A 111 5.97 4.02 0.76
CA GLY A 111 6.99 2.99 0.65
C GLY A 111 6.46 1.83 -0.19
N SER A 112 7.38 1.04 -0.74
CA SER A 112 6.97 -0.07 -1.59
C SER A 112 6.39 -1.25 -0.81
N ASN A 113 6.74 -1.34 0.48
CA ASN A 113 6.25 -2.42 1.34
C ASN A 113 6.22 -1.92 2.78
N GLY A 114 5.25 -2.38 3.56
CA GLY A 114 5.22 -2.06 4.97
C GLY A 114 4.36 -0.87 5.33
N LYS A 115 3.85 -0.16 4.33
CA LYS A 115 3.14 1.08 4.61
C LYS A 115 1.77 0.93 5.28
N SER A 116 1.02 -0.13 5.02
CA SER A 116 -0.23 -0.37 5.77
C SER A 116 0.05 -0.81 7.21
N THR A 117 1.09 -1.61 7.40
CA THR A 117 1.46 -2.04 8.73
C THR A 117 1.90 -0.85 9.59
N VAL A 118 2.75 0.01 9.04
CA VAL A 118 3.22 1.16 9.81
C VAL A 118 2.11 2.18 10.05
N THR A 119 1.28 2.43 9.04
CA THR A 119 0.13 3.31 9.20
C THR A 119 -0.81 2.83 10.32
N THR A 120 -1.13 1.54 10.30
CA THR A 120 -2.02 0.98 11.31
C THR A 120 -1.40 1.02 12.71
N LEU A 121 -0.12 0.70 12.80
CA LEU A 121 0.60 0.77 14.06
C LEU A 121 0.56 2.17 14.65
N VAL A 122 0.88 3.18 13.85
CA VAL A 122 0.86 4.57 14.35
C VAL A 122 -0.56 4.93 14.83
N GLY A 123 -1.57 4.46 14.11
CA GLY A 123 -2.95 4.63 14.54
C GLY A 123 -3.24 3.99 15.89
N GLU A 124 -2.68 2.79 16.10
CA GLU A 124 -2.82 2.06 17.36
C GLU A 124 -2.09 2.73 18.50
N MET A 125 -0.92 3.27 18.20
CA MET A 125 -0.15 4.03 19.17
C MET A 125 -0.94 5.28 19.62
N ALA A 126 -1.60 5.95 18.69
CA ALA A 126 -2.41 7.13 18.99
C ALA A 126 -3.61 6.76 19.87
N LYS A 127 -4.31 5.70 19.50
CA LYS A 127 -5.41 5.19 20.31
C LYS A 127 -4.97 4.82 21.73
N ALA A 128 -3.81 4.18 21.85
CA ALA A 128 -3.28 3.78 23.17
C ALA A 128 -3.04 4.99 24.06
N ALA A 129 -2.77 6.15 23.45
CA ALA A 129 -2.55 7.41 24.17
C ALA A 129 -3.85 8.21 24.36
N GLY A 130 -4.96 7.66 23.88
CA GLY A 130 -6.25 8.28 24.09
C GLY A 130 -6.48 9.42 23.13
N VAL A 131 -5.72 9.44 22.04
CA VAL A 131 -5.83 10.48 21.03
C VAL A 131 -6.91 10.10 20.00
N ASN A 132 -7.74 11.06 19.66
CA ASN A 132 -8.76 10.89 18.63
C ASN A 132 -8.10 10.91 17.26
N VAL A 133 -7.97 9.74 16.64
CA VAL A 133 -7.11 9.57 15.46
C VAL A 133 -7.94 9.12 14.27
N GLY A 134 -7.65 9.71 13.10
CA GLY A 134 -8.30 9.30 11.87
C GLY A 134 -7.26 8.63 10.98
N VAL A 135 -7.51 7.39 10.58
CA VAL A 135 -6.55 6.62 9.78
C VAL A 135 -7.16 6.30 8.41
N GLY A 136 -6.44 6.64 7.35
CA GLY A 136 -6.98 6.40 6.02
C GLY A 136 -5.99 6.67 4.92
N GLY A 137 -6.51 6.90 3.72
CA GLY A 137 -5.66 7.08 2.54
C GLY A 137 -5.66 5.82 1.70
N ASN A 138 -4.51 5.49 1.13
CA ASN A 138 -4.39 4.35 0.22
C ASN A 138 -4.74 3.02 0.93
N ILE A 139 -4.63 3.01 2.25
CA ILE A 139 -4.99 1.85 3.06
C ILE A 139 -6.44 1.41 2.86
N GLY A 140 -7.29 2.35 2.45
CA GLY A 140 -8.63 1.98 1.98
C GLY A 140 -9.75 2.97 2.27
N LEU A 141 -9.64 3.74 3.34
CA LEU A 141 -10.67 4.73 3.65
C LEU A 141 -10.27 6.08 3.08
N PRO A 142 -11.02 6.59 2.09
CA PRO A 142 -10.63 7.85 1.44
C PRO A 142 -10.43 8.97 2.47
N ALA A 143 -9.31 9.68 2.34
CA ALA A 143 -8.90 10.68 3.33
C ALA A 143 -9.97 11.76 3.63
N LEU A 144 -10.70 12.20 2.60
CA LEU A 144 -11.72 13.21 2.81
C LEU A 144 -12.83 12.71 3.74
N MET A 145 -13.00 11.39 3.85
CA MET A 145 -13.96 10.83 4.78
C MET A 145 -13.48 10.82 6.22
N LEU A 146 -12.21 11.17 6.42
CA LEU A 146 -11.68 11.29 7.77
C LEU A 146 -11.98 12.66 8.40
N LEU A 147 -12.24 13.67 7.57
CA LEU A 147 -12.27 15.07 8.06
C LEU A 147 -13.26 15.25 9.19
N ASP A 148 -12.78 15.69 10.34
CA ASP A 148 -13.55 15.65 11.57
C ASP A 148 -12.98 16.69 12.49
N ASP A 149 -13.82 17.60 12.96
CA ASP A 149 -13.34 18.68 13.82
C ASP A 149 -12.86 18.20 15.18
N GLU A 150 -13.24 16.99 15.56
CA GLU A 150 -12.77 16.43 16.81
C GLU A 150 -11.48 15.63 16.65
N CYS A 151 -11.03 15.45 15.41
CA CYS A 151 -9.84 14.66 15.19
C CYS A 151 -8.59 15.41 15.63
N GLU A 152 -7.71 14.69 16.34
CA GLU A 152 -6.51 15.27 16.93
C GLU A 152 -5.23 14.87 16.23
N LEU A 153 -5.30 13.80 15.43
CA LEU A 153 -4.17 13.34 14.65
C LEU A 153 -4.69 12.55 13.45
N TYR A 154 -4.12 12.81 12.28
CA TYR A 154 -4.44 12.03 11.09
C TYR A 154 -3.25 11.19 10.71
N VAL A 155 -3.46 9.93 10.39
CA VAL A 155 -2.40 9.07 9.91
C VAL A 155 -2.80 8.57 8.53
N LEU A 156 -2.02 8.95 7.52
CA LEU A 156 -2.34 8.66 6.13
C LEU A 156 -1.33 7.71 5.52
N GLU A 157 -1.82 6.60 4.99
CA GLU A 157 -1.02 5.83 4.04
C GLU A 157 -1.18 6.50 2.66
N LEU A 158 -0.04 6.81 2.03
CA LEU A 158 -0.03 7.49 0.72
C LEU A 158 0.70 6.68 -0.34
N SER A 159 0.06 6.50 -1.49
CA SER A 159 0.73 5.83 -2.61
C SER A 159 1.59 6.85 -3.36
N SER A 160 2.51 6.38 -4.18
CA SER A 160 3.24 7.26 -5.08
C SER A 160 2.27 8.02 -6.02
N PHE A 161 1.18 7.37 -6.44
CA PHE A 161 0.18 8.01 -7.30
C PHE A 161 -0.44 9.23 -6.60
N GLN A 162 -0.89 9.04 -5.36
CA GLN A 162 -1.49 10.13 -4.57
C GLN A 162 -0.51 11.27 -4.34
N LEU A 163 0.76 10.93 -4.09
CA LEU A 163 1.80 11.93 -3.88
C LEU A 163 2.08 12.80 -5.11
N GLU A 164 1.95 12.23 -6.30
CA GLU A 164 2.16 12.98 -7.54
C GLU A 164 1.26 14.21 -7.62
N THR A 165 0.04 14.10 -7.12
CA THR A 165 -0.93 15.18 -7.28
C THR A 165 -1.10 15.99 -6.00
N THR A 166 -0.17 15.83 -5.06
CA THR A 166 -0.26 16.50 -3.78
C THR A 166 0.85 17.52 -3.65
N SER A 167 0.50 18.74 -3.26
CA SER A 167 1.45 19.84 -3.19
C SER A 167 1.42 20.59 -1.84
N SER A 168 0.35 20.39 -1.07
CA SER A 168 0.16 21.13 0.17
C SER A 168 0.39 20.32 1.43
N LEU A 169 0.98 19.13 1.31
CA LEU A 169 1.15 18.32 2.51
C LEU A 169 2.33 18.85 3.33
N GLN A 170 2.07 19.16 4.59
CA GLN A 170 3.13 19.56 5.51
C GLN A 170 3.04 18.65 6.72
N ALA A 171 3.57 17.44 6.57
CA ALA A 171 3.44 16.40 7.59
C ALA A 171 4.19 16.80 8.87
N VAL A 172 3.64 16.44 10.04
CA VAL A 172 4.42 16.52 11.28
C VAL A 172 5.56 15.49 11.28
N ALA A 173 5.34 14.37 10.60
CA ALA A 173 6.36 13.32 10.46
C ALA A 173 6.00 12.53 9.20
N ALA A 174 6.99 12.37 8.33
CA ALA A 174 6.81 11.68 7.04
C ALA A 174 7.91 10.66 6.83
N THR A 175 7.55 9.53 6.23
CA THR A 175 8.52 8.51 5.89
C THR A 175 8.29 7.87 4.52
N ILE A 176 9.41 7.56 3.85
CA ILE A 176 9.45 6.53 2.83
C ILE A 176 10.12 5.30 3.45
N LEU A 177 9.36 4.22 3.58
CA LEU A 177 9.86 3.03 4.26
C LEU A 177 10.94 2.33 3.44
N ASN A 178 10.71 2.26 2.13
CA ASN A 178 11.65 1.62 1.22
C ASN A 178 11.17 1.95 -0.19
N VAL A 179 12.06 1.73 -1.16
CA VAL A 179 11.75 1.88 -2.57
C VAL A 179 12.26 0.65 -3.31
N THR A 180 11.35 -0.19 -3.78
CA THR A 180 11.72 -1.30 -4.64
C THR A 180 10.83 -1.28 -5.86
N GLU A 181 11.29 -1.84 -6.97
CA GLU A 181 10.61 -1.71 -8.25
C GLU A 181 9.13 -2.07 -8.13
N ASP A 182 8.27 -1.12 -8.50
CA ASP A 182 6.85 -1.36 -8.51
C ASP A 182 6.21 -0.31 -9.39
N HIS A 183 5.01 -0.61 -9.89
CA HIS A 183 4.22 0.34 -10.67
C HIS A 183 4.95 0.84 -11.92
N MET A 184 5.78 0.00 -12.52
CA MET A 184 6.53 0.42 -13.71
C MET A 184 5.61 0.67 -14.90
N ASP A 185 4.42 0.09 -14.86
CA ASP A 185 3.39 0.38 -15.86
C ASP A 185 2.95 1.86 -15.83
N ARG A 186 3.18 2.54 -14.71
CA ARG A 186 2.78 3.94 -14.55
C ARG A 186 3.98 4.89 -14.60
N TYR A 187 5.19 4.33 -14.67
CA TYR A 187 6.40 5.13 -14.58
C TYR A 187 7.37 4.80 -15.71
N PRO A 188 7.15 5.40 -16.89
CA PRO A 188 7.98 5.08 -18.08
C PRO A 188 9.41 5.62 -17.99
N PHE A 189 9.69 6.46 -16.99
CA PHE A 189 11.06 6.83 -16.68
C PHE A 189 11.60 6.05 -15.47
N GLY A 190 10.97 4.90 -15.22
CA GLY A 190 11.56 3.89 -14.35
C GLY A 190 11.67 4.23 -12.87
N LEU A 191 12.67 3.62 -12.24
CA LEU A 191 12.78 3.62 -10.79
C LEU A 191 12.96 5.01 -10.22
N GLN A 192 13.71 5.86 -10.90
CA GLN A 192 13.95 7.18 -10.35
C GLN A 192 12.74 8.09 -10.45
N GLN A 193 11.85 7.83 -11.42
CA GLN A 193 10.59 8.56 -11.52
C GLN A 193 9.63 8.16 -10.40
N TYR A 194 9.51 6.85 -10.22
CA TYR A 194 8.74 6.28 -9.12
C TYR A 194 9.24 6.84 -7.76
N ARG A 195 10.56 6.84 -7.59
CA ARG A 195 11.19 7.38 -6.39
C ARG A 195 10.88 8.86 -6.20
N ALA A 196 10.94 9.61 -7.30
CA ALA A 196 10.66 11.04 -7.26
C ALA A 196 9.25 11.31 -6.73
N ALA A 197 8.29 10.47 -7.10
CA ALA A 197 6.92 10.64 -6.64
C ALA A 197 6.89 10.48 -5.11
N KCX A 198 7.57 9.45 -4.62
CA KCX A 198 7.58 9.19 -3.17
CB KCX A 198 8.19 7.82 -2.86
CG KCX A 198 7.32 6.64 -3.30
CD KCX A 198 7.78 5.37 -2.64
CE KCX A 198 6.94 4.20 -3.09
NZ KCX A 198 5.52 4.36 -2.75
C KCX A 198 8.31 10.29 -2.38
O KCX A 198 7.86 10.67 -1.29
CX KCX A 198 4.55 3.55 -3.19
OQ1 KCX A 198 3.35 3.78 -2.90
OQ2 KCX A 198 4.79 2.52 -3.85
N LEU A 199 9.38 10.84 -2.96
CA LEU A 199 10.15 11.88 -2.27
C LEU A 199 9.36 13.17 -2.00
N ARG A 200 8.23 13.36 -2.69
CA ARG A 200 7.37 14.51 -2.44
C ARG A 200 6.85 14.53 -1.02
N ILE A 201 6.77 13.37 -0.39
CA ILE A 201 6.20 13.25 0.96
C ILE A 201 7.00 14.05 2.01
N TYR A 202 8.28 14.26 1.75
CA TYR A 202 9.15 14.96 2.69
C TYR A 202 9.04 16.48 2.61
N GLU A 203 8.51 17.00 1.50
CA GLU A 203 8.44 18.46 1.27
C GLU A 203 7.63 19.12 2.40
N ASN A 204 8.30 20.02 3.12
CA ASN A 204 7.72 20.74 4.25
C ASN A 204 7.25 19.87 5.42
N ALA A 205 7.81 18.66 5.53
CA ALA A 205 7.57 17.79 6.68
C ALA A 205 8.41 18.31 7.85
N LYS A 206 7.84 18.35 9.04
CA LYS A 206 8.57 18.79 10.22
C LYS A 206 9.70 17.82 10.57
N VAL A 207 9.38 16.54 10.62
CA VAL A 207 10.39 15.50 10.80
C VAL A 207 10.30 14.51 9.62
N CYS A 208 11.44 14.21 8.99
CA CYS A 208 11.50 13.18 7.95
C CYS A 208 12.15 11.94 8.53
N VAL A 209 11.55 10.80 8.30
CA VAL A 209 12.03 9.54 8.85
C VAL A 209 12.44 8.66 7.69
N VAL A 210 13.74 8.38 7.59
CA VAL A 210 14.29 7.61 6.47
C VAL A 210 14.80 6.23 6.92
N ASN A 211 14.96 5.34 5.94
CA ASN A 211 15.49 3.99 6.16
C ASN A 211 17.00 4.04 5.91
N ALA A 212 17.77 3.90 6.98
CA ALA A 212 19.24 3.93 6.92
C ALA A 212 19.79 2.87 5.99
N ASP A 213 19.04 1.79 5.79
CA ASP A 213 19.50 0.69 4.93
C ASP A 213 19.03 0.80 3.48
N ASP A 214 18.26 1.84 3.17
CA ASP A 214 17.76 2.04 1.81
C ASP A 214 17.99 3.50 1.42
N ALA A 215 19.05 3.73 0.64
CA ALA A 215 19.44 5.08 0.28
C ALA A 215 18.40 5.78 -0.59
N LEU A 216 17.60 5.03 -1.33
CA LEU A 216 16.56 5.67 -2.15
C LEU A 216 15.46 6.33 -1.32
N THR A 217 15.39 6.00 -0.03
CA THR A 217 14.42 6.64 0.86
C THR A 217 14.85 8.03 1.29
N MET A 218 16.10 8.35 1.01
CA MET A 218 16.67 9.59 1.50
C MET A 218 16.44 10.74 0.52
N PRO A 219 16.16 11.93 1.05
CA PRO A 219 15.92 13.09 0.19
C PRO A 219 17.10 13.48 -0.74
N ILE A 220 18.28 13.62 -0.14
CA ILE A 220 19.26 14.65 -0.56
C ILE A 220 18.93 16.04 0.03
N ARG A 226 18.33 17.50 8.82
CA ARG A 226 18.62 16.10 8.50
C ARG A 226 17.59 15.17 9.10
N CYS A 227 17.42 14.01 8.49
CA CYS A 227 16.33 13.11 8.84
C CYS A 227 16.66 12.19 10.01
N VAL A 228 15.63 11.88 10.79
CA VAL A 228 15.66 10.77 11.75
C VAL A 228 15.74 9.48 10.94
N SER A 229 16.52 8.51 11.38
CA SER A 229 16.63 7.26 10.64
C SER A 229 16.27 6.04 11.47
N PHE A 230 15.82 4.99 10.79
CA PHE A 230 15.69 3.68 11.41
C PHE A 230 16.44 2.68 10.54
N GLY A 231 16.85 1.57 11.13
CA GLY A 231 17.57 0.56 10.39
C GLY A 231 17.82 -0.69 11.21
N VAL A 232 18.48 -1.67 10.62
CA VAL A 232 18.73 -2.92 11.32
C VAL A 232 19.91 -2.78 12.26
N ASN A 233 21.08 -2.45 11.72
CA ASN A 233 22.26 -2.25 12.55
C ASN A 233 22.60 -0.78 12.68
N MET A 234 22.07 0.03 11.77
CA MET A 234 22.32 1.47 11.77
C MET A 234 21.02 2.21 12.05
N GLY A 235 21.14 3.45 12.49
CA GLY A 235 19.99 4.34 12.60
C GLY A 235 19.75 4.85 14.00
N ASP A 236 19.04 5.97 14.11
CA ASP A 236 18.60 6.50 15.41
C ASP A 236 17.74 5.48 16.11
N TYR A 237 16.91 4.81 15.32
CA TYR A 237 16.12 3.68 15.77
C TYR A 237 16.69 2.44 15.09
N HIS A 238 17.10 1.43 15.86
CA HIS A 238 17.75 0.26 15.28
C HIS A 238 17.52 -0.98 16.13
N LEU A 239 17.95 -2.13 15.64
CA LEU A 239 17.76 -3.40 16.34
C LEU A 239 19.04 -3.82 17.07
N ASN A 240 18.86 -4.55 18.16
CA ASN A 240 19.97 -5.04 18.96
C ASN A 240 19.71 -6.50 19.17
N HIS A 241 20.53 -7.34 18.56
CA HIS A 241 20.35 -8.77 18.68
C HIS A 241 21.19 -9.33 19.85
N GLU A 245 17.58 -13.41 20.52
CA GLU A 245 16.57 -12.40 20.84
C GLU A 245 16.91 -11.08 20.18
N THR A 246 15.87 -10.28 19.92
CA THR A 246 16.02 -9.00 19.23
C THR A 246 15.36 -7.91 20.08
N TRP A 247 16.04 -6.78 20.15
CA TRP A 247 15.53 -5.62 20.88
C TRP A 247 15.37 -4.46 19.93
N LEU A 248 14.29 -3.71 20.12
CA LEU A 248 14.15 -2.36 19.57
C LEU A 248 14.91 -1.37 20.45
N ARG A 249 15.76 -0.56 19.81
CA ARG A 249 16.57 0.44 20.51
C ARG A 249 16.38 1.82 19.92
N VAL A 250 16.48 2.83 20.77
CA VAL A 250 16.47 4.21 20.29
C VAL A 250 17.76 4.81 20.79
N LYS A 251 18.68 4.99 19.84
CA LYS A 251 20.00 5.52 20.12
C LYS A 251 20.71 4.79 21.27
N GLY A 252 20.82 3.48 21.13
CA GLY A 252 21.61 2.69 22.07
C GLY A 252 20.85 2.16 23.28
N GLU A 253 19.70 2.78 23.59
CA GLU A 253 18.89 2.37 24.73
C GLU A 253 17.83 1.33 24.30
N LYS A 254 17.80 0.21 25.00
CA LYS A 254 16.78 -0.82 24.78
C LYS A 254 15.43 -0.27 25.16
N VAL A 255 14.45 -0.39 24.26
CA VAL A 255 13.09 0.02 24.58
C VAL A 255 12.08 -1.12 24.51
N LEU A 256 12.36 -2.17 23.76
CA LEU A 256 11.40 -3.29 23.71
C LEU A 256 12.04 -4.58 23.22
N ASN A 257 11.83 -5.65 23.97
CA ASN A 257 12.23 -6.98 23.54
C ASN A 257 11.12 -7.49 22.62
N VAL A 258 11.44 -7.82 21.36
CA VAL A 258 10.41 -8.13 20.37
C VAL A 258 9.64 -9.41 20.65
N LYS A 259 10.03 -10.16 21.69
CA LYS A 259 9.22 -11.28 22.15
C LYS A 259 7.88 -10.79 22.71
N GLU A 260 7.81 -9.51 23.06
CA GLU A 260 6.56 -8.88 23.49
C GLU A 260 5.62 -8.54 22.33
N MET A 261 6.16 -8.52 21.11
CA MET A 261 5.36 -8.23 19.92
C MET A 261 4.65 -9.47 19.41
N LYS A 262 3.48 -9.27 18.83
CA LYS A 262 2.76 -10.34 18.13
C LYS A 262 3.34 -10.54 16.73
N LEU A 263 3.70 -9.44 16.06
CA LEU A 263 4.39 -9.51 14.76
C LEU A 263 5.76 -10.18 14.89
N SER A 264 6.20 -10.82 13.82
CA SER A 264 7.54 -11.38 13.76
C SER A 264 8.19 -11.06 12.42
N GLY A 265 9.49 -11.36 12.31
CA GLY A 265 10.20 -11.10 11.07
C GLY A 265 10.93 -9.78 11.17
N GLN A 266 12.18 -9.79 10.71
CA GLN A 266 13.02 -8.60 10.81
C GLN A 266 12.40 -7.37 10.14
N HIS A 267 11.74 -7.57 9.00
CA HIS A 267 11.12 -6.45 8.31
C HIS A 267 9.96 -5.84 9.10
N ASN A 268 9.33 -6.65 9.94
CA ASN A 268 8.29 -6.12 10.82
C ASN A 268 8.88 -5.42 12.03
N TYR A 269 10.09 -5.80 12.42
CA TYR A 269 10.75 -5.13 13.54
C TYR A 269 11.22 -3.75 13.10
N THR A 270 11.71 -3.64 11.86
CA THR A 270 12.03 -2.33 11.31
C THR A 270 10.76 -1.51 11.03
N ASN A 271 9.65 -2.17 10.70
CA ASN A 271 8.36 -1.49 10.62
C ASN A 271 7.96 -0.91 11.97
N ALA A 272 8.20 -1.66 13.04
CA ALA A 272 7.91 -1.18 14.39
C ALA A 272 8.80 0.01 14.75
N LEU A 273 10.07 -0.01 14.35
CA LEU A 273 10.97 1.13 14.56
C LEU A 273 10.48 2.39 13.81
N ALA A 274 10.09 2.23 12.56
CA ALA A 274 9.53 3.32 11.77
C ALA A 274 8.30 3.92 12.46
N ALA A 275 7.40 3.05 12.90
CA ALA A 275 6.17 3.51 13.56
C ALA A 275 6.50 4.30 14.82
N LEU A 276 7.47 3.79 15.59
CA LEU A 276 7.83 4.43 16.85
C LEU A 276 8.49 5.77 16.60
N ALA A 277 9.32 5.85 15.57
CA ALA A 277 9.94 7.12 15.18
C ALA A 277 8.90 8.17 14.79
N LEU A 278 7.92 7.76 13.98
CA LEU A 278 6.82 8.66 13.58
C LEU A 278 5.98 9.07 14.79
N ALA A 279 5.62 8.11 15.64
CA ALA A 279 4.82 8.39 16.83
C ALA A 279 5.56 9.33 17.79
N ASP A 280 6.87 9.12 17.95
CA ASP A 280 7.70 10.02 18.74
C ASP A 280 7.69 11.44 18.18
N ALA A 281 7.86 11.57 16.86
CA ALA A 281 7.87 12.89 16.22
C ALA A 281 6.52 13.60 16.31
N ALA A 282 5.44 12.81 16.28
CA ALA A 282 4.10 13.35 16.38
C ALA A 282 3.75 13.73 17.82
N GLY A 283 4.66 13.46 18.76
CA GLY A 283 4.45 13.85 20.15
C GLY A 283 3.68 12.87 21.02
N LEU A 284 3.45 11.65 20.54
CA LEU A 284 2.78 10.63 21.35
C LEU A 284 3.73 10.12 22.42
N PRO A 285 3.20 9.79 23.61
CA PRO A 285 4.01 9.24 24.70
C PRO A 285 4.61 7.87 24.33
N ARG A 286 5.91 7.71 24.50
CA ARG A 286 6.55 6.44 24.10
C ARG A 286 5.96 5.21 24.80
N ALA A 287 5.55 5.39 26.05
CA ALA A 287 5.05 4.26 26.84
C ALA A 287 3.83 3.61 26.18
N SER A 288 2.85 4.44 25.85
CA SER A 288 1.65 3.94 25.20
C SER A 288 1.92 3.49 23.76
N SER A 289 2.90 4.10 23.11
CA SER A 289 3.30 3.66 21.77
C SER A 289 3.90 2.25 21.79
N LEU A 290 4.70 1.95 22.82
CA LEU A 290 5.26 0.61 22.99
C LEU A 290 4.18 -0.42 23.32
N LYS A 291 3.19 -0.02 24.12
CA LYS A 291 2.05 -0.87 24.43
C LYS A 291 1.38 -1.35 23.14
N ALA A 292 1.09 -0.41 22.24
CA ALA A 292 0.41 -0.72 20.98
C ALA A 292 1.19 -1.73 20.16
N LEU A 293 2.53 -1.67 20.26
CA LEU A 293 3.38 -2.63 19.55
C LEU A 293 3.16 -4.04 20.07
N THR A 294 2.81 -4.17 21.33
CA THR A 294 2.67 -5.49 21.91
C THR A 294 1.29 -6.11 21.64
N THR A 295 0.33 -5.28 21.27
CA THR A 295 -1.04 -5.75 21.06
C THR A 295 -1.37 -6.01 19.59
N PHE A 296 -0.72 -5.28 18.68
CA PHE A 296 -1.06 -5.35 17.26
C PHE A 296 -0.79 -6.74 16.68
N THR A 297 -1.80 -7.35 16.06
CA THR A 297 -1.66 -8.72 15.59
C THR A 297 -1.35 -8.83 14.10
N GLY A 298 -1.54 -7.75 13.35
CA GLY A 298 -1.30 -7.81 11.92
C GLY A 298 -2.54 -7.46 11.12
N LEU A 299 -2.42 -7.53 9.80
CA LEU A 299 -3.49 -7.13 8.90
C LEU A 299 -3.97 -8.34 8.11
N PRO A 300 -5.25 -8.34 7.70
CA PRO A 300 -5.75 -9.33 6.73
C PRO A 300 -4.88 -9.31 5.49
N HIS A 301 -4.65 -10.50 4.92
CA HIS A 301 -3.97 -10.65 3.63
C HIS A 301 -2.47 -10.36 3.71
N ARG A 302 -1.96 -10.09 4.90
CA ARG A 302 -0.54 -9.81 5.06
C ARG A 302 0.08 -10.93 5.90
N PHE A 303 0.70 -11.88 5.19
CA PHE A 303 1.22 -13.15 5.73
C PHE A 303 0.28 -13.72 6.80
N GLU A 304 -0.98 -13.86 6.45
CA GLU A 304 -2.03 -14.22 7.39
C GLU A 304 -2.27 -15.73 7.33
N VAL A 305 -2.04 -16.42 8.45
CA VAL A 305 -2.37 -17.85 8.50
C VAL A 305 -3.90 -18.00 8.48
N VAL A 306 -4.43 -18.54 7.39
CA VAL A 306 -5.87 -18.73 7.29
C VAL A 306 -6.34 -20.15 7.65
N LEU A 307 -5.42 -21.12 7.66
CA LEU A 307 -5.73 -22.48 8.06
C LEU A 307 -4.44 -23.15 8.49
N GLU A 308 -4.46 -23.77 9.66
CA GLU A 308 -3.36 -24.64 10.05
C GLU A 308 -3.97 -25.95 10.48
N HIS A 309 -3.80 -26.96 9.65
CA HIS A 309 -4.52 -28.20 9.82
C HIS A 309 -3.70 -29.34 9.23
N ASN A 310 -3.63 -30.45 9.97
CA ASN A 310 -2.92 -31.65 9.52
C ASN A 310 -1.43 -31.41 9.32
N GLY A 311 -0.89 -30.48 10.10
CA GLY A 311 0.51 -30.17 10.02
C GLY A 311 0.89 -29.28 8.84
N VAL A 312 -0.10 -28.58 8.28
CA VAL A 312 0.13 -27.66 7.16
C VAL A 312 -0.43 -26.28 7.50
N ARG A 313 0.40 -25.25 7.32
CA ARG A 313 -0.06 -23.85 7.38
C ARG A 313 -0.35 -23.34 5.96
N TRP A 314 -1.54 -22.77 5.79
CA TRP A 314 -1.94 -22.12 4.54
C TRP A 314 -1.97 -20.63 4.82
N ILE A 315 -1.12 -19.89 4.11
CA ILE A 315 -0.83 -18.51 4.46
C ILE A 315 -1.21 -17.59 3.32
N ASN A 316 -2.16 -16.70 3.62
CA ASN A 316 -2.63 -15.70 2.69
C ASN A 316 -1.73 -14.46 2.79
N ASP A 317 -0.83 -14.30 1.83
CA ASP A 317 -0.06 -13.07 1.71
C ASP A 317 -0.41 -12.39 0.38
N SER A 318 -1.71 -12.34 0.08
CA SER A 318 -2.22 -11.70 -1.13
C SER A 318 -1.80 -10.24 -1.24
N LYS A 319 -1.53 -9.60 -0.10
CA LYS A 319 -1.08 -8.22 -0.08
C LYS A 319 0.31 -8.04 -0.70
N ALA A 320 1.02 -9.14 -0.95
CA ALA A 320 2.29 -9.09 -1.68
C ALA A 320 2.05 -8.88 -3.18
N THR A 321 2.01 -7.61 -3.58
CA THR A 321 1.69 -7.25 -4.96
C THR A 321 2.92 -6.77 -5.73
N ASN A 322 4.08 -6.84 -5.07
CA ASN A 322 5.34 -6.63 -5.78
C ASN A 322 6.43 -7.58 -5.34
N VAL A 323 7.56 -7.57 -6.05
CA VAL A 323 8.62 -8.52 -5.83
C VAL A 323 9.25 -8.32 -4.44
N GLY A 324 9.41 -7.06 -4.02
CA GLY A 324 9.99 -6.77 -2.72
C GLY A 324 9.19 -7.37 -1.58
N SER A 325 7.86 -7.34 -1.70
CA SER A 325 6.98 -7.88 -0.67
C SER A 325 7.10 -9.41 -0.57
N THR A 326 7.15 -10.08 -1.72
CA THR A 326 7.28 -11.52 -1.73
C THR A 326 8.66 -11.92 -1.20
N GLU A 327 9.67 -11.09 -1.47
CA GLU A 327 11.00 -11.29 -0.87
C GLU A 327 10.94 -11.25 0.64
N ALA A 328 10.20 -10.30 1.19
CA ALA A 328 10.02 -10.20 2.64
C ALA A 328 9.36 -11.46 3.23
N ALA A 329 8.48 -12.11 2.48
CA ALA A 329 7.88 -13.37 2.91
C ALA A 329 8.86 -14.56 2.86
N LEU A 330 9.69 -14.60 1.83
CA LEU A 330 10.54 -15.76 1.58
C LEU A 330 11.87 -15.69 2.34
N ASN A 331 12.37 -14.49 2.55
CA ASN A 331 13.69 -14.29 3.13
C ASN A 331 13.71 -14.78 4.57
N GLY A 332 14.40 -15.90 4.79
CA GLY A 332 14.48 -16.48 6.12
C GLY A 332 13.30 -17.36 6.50
N LEU A 333 12.44 -17.63 5.54
CA LEU A 333 11.26 -18.45 5.77
C LEU A 333 11.66 -19.87 6.18
N HIS A 334 11.15 -20.34 7.32
CA HIS A 334 11.37 -21.73 7.68
C HIS A 334 10.17 -22.58 7.31
N VAL A 335 10.42 -23.62 6.54
CA VAL A 335 9.39 -24.58 6.16
C VAL A 335 9.93 -25.97 6.46
N ASP A 336 9.14 -26.77 7.17
CA ASP A 336 9.58 -28.10 7.55
C ASP A 336 9.61 -29.09 6.39
N GLY A 337 8.61 -29.02 5.51
CA GLY A 337 8.58 -29.90 4.36
C GLY A 337 8.83 -29.17 3.05
N THR A 338 7.80 -29.13 2.22
CA THR A 338 7.85 -28.48 0.92
C THR A 338 7.05 -27.20 0.99
N LEU A 339 7.60 -26.12 0.40
CA LEU A 339 6.88 -24.87 0.19
C LEU A 339 6.16 -24.93 -1.14
N HIS A 340 4.85 -24.81 -1.10
CA HIS A 340 4.03 -24.70 -2.30
C HIS A 340 3.67 -23.22 -2.50
N LEU A 341 4.43 -22.57 -3.39
CA LEU A 341 4.37 -21.13 -3.58
C LEU A 341 3.53 -20.74 -4.80
N LEU A 342 2.41 -20.05 -4.53
CA LEU A 342 1.56 -19.50 -5.58
C LEU A 342 2.04 -18.12 -6.01
N LEU A 343 2.31 -17.99 -7.30
CA LEU A 343 2.76 -16.73 -7.88
C LEU A 343 1.86 -16.39 -9.05
N GLY A 344 1.55 -15.12 -9.24
CA GLY A 344 0.91 -14.73 -10.48
C GLY A 344 -0.01 -13.54 -10.45
N GLY A 345 -0.59 -13.24 -11.61
CA GLY A 345 -1.38 -12.04 -11.77
C GLY A 345 -0.70 -11.07 -12.71
N ASP A 346 -0.93 -9.78 -12.50
CA ASP A 346 -0.33 -8.74 -13.33
C ASP A 346 0.94 -8.19 -12.65
N GLY A 347 2.08 -8.56 -13.21
CA GLY A 347 3.36 -8.18 -12.63
C GLY A 347 3.79 -6.75 -12.89
N LYS A 348 3.00 -5.97 -13.63
CA LYS A 348 3.27 -4.54 -13.85
C LYS A 348 4.65 -4.26 -14.48
N SER A 349 5.09 -5.17 -15.34
CA SER A 349 6.40 -5.07 -16.00
C SER A 349 7.61 -5.19 -15.07
N ALA A 350 7.40 -5.73 -13.86
CA ALA A 350 8.51 -5.94 -12.93
C ALA A 350 9.48 -7.01 -13.44
N ASP A 351 10.73 -6.89 -13.03
CA ASP A 351 11.70 -7.96 -13.20
C ASP A 351 11.57 -8.90 -12.00
N PHE A 352 11.17 -10.14 -12.26
CA PHE A 352 10.92 -11.12 -11.20
C PHE A 352 12.19 -11.82 -10.74
N SER A 353 13.28 -11.59 -11.44
CA SER A 353 14.58 -12.24 -11.16
C SER A 353 15.02 -12.28 -9.69
N PRO A 354 14.79 -11.20 -8.92
CA PRO A 354 15.28 -11.22 -7.54
C PRO A 354 14.72 -12.36 -6.68
N LEU A 355 13.59 -12.92 -7.10
CA LEU A 355 12.99 -14.04 -6.40
C LEU A 355 13.75 -15.34 -6.58
N ALA A 356 14.48 -15.48 -7.69
CA ALA A 356 15.07 -16.75 -8.09
C ALA A 356 15.94 -17.37 -6.99
N ARG A 357 16.64 -16.52 -6.25
CA ARG A 357 17.60 -16.98 -5.24
C ARG A 357 16.94 -17.64 -4.04
N TYR A 358 15.62 -17.53 -3.94
CA TYR A 358 14.88 -18.15 -2.86
C TYR A 358 14.25 -19.46 -3.30
N LEU A 359 14.43 -19.83 -4.55
CA LEU A 359 13.65 -20.91 -5.13
C LEU A 359 14.49 -22.14 -5.45
N ASN A 360 15.64 -22.26 -4.80
CA ASN A 360 16.51 -23.41 -5.02
C ASN A 360 16.21 -24.53 -4.03
N GLY A 361 16.65 -25.73 -4.36
CA GLY A 361 16.53 -26.83 -3.43
C GLY A 361 15.42 -27.79 -3.80
N ASP A 362 15.32 -28.87 -3.02
CA ASP A 362 14.40 -29.97 -3.30
C ASP A 362 13.00 -29.71 -2.74
N ASN A 363 12.84 -28.61 -2.01
CA ASN A 363 11.65 -28.44 -1.17
C ASN A 363 10.85 -27.20 -1.51
N VAL A 364 10.82 -26.86 -2.79
CA VAL A 364 10.02 -25.73 -3.26
C VAL A 364 9.29 -26.15 -4.52
N ARG A 365 7.99 -25.90 -4.56
CA ARG A 365 7.21 -26.08 -5.79
C ARG A 365 6.53 -24.75 -6.11
N LEU A 366 6.48 -24.40 -7.38
CA LEU A 366 5.85 -23.15 -7.83
C LEU A 366 4.60 -23.46 -8.61
N TYR A 367 3.52 -22.71 -8.32
CA TYR A 367 2.26 -22.81 -9.04
C TYR A 367 1.88 -21.41 -9.52
N CYS A 368 2.05 -21.19 -10.83
CA CYS A 368 2.03 -19.84 -11.39
C CYS A 368 0.82 -19.66 -12.28
N PHE A 369 0.20 -18.49 -12.21
CA PHE A 369 -1.08 -18.29 -12.88
C PHE A 369 -1.28 -16.84 -13.29
N GLY A 370 -2.39 -16.58 -13.96
CA GLY A 370 -2.77 -15.22 -14.32
C GLY A 370 -1.98 -14.68 -15.49
N ARG A 371 -2.05 -13.36 -15.69
CA ARG A 371 -1.41 -12.72 -16.83
C ARG A 371 0.08 -13.10 -17.02
N ASP A 372 0.84 -13.07 -15.94
CA ASP A 372 2.29 -13.27 -16.05
C ASP A 372 2.75 -14.64 -15.57
N GLY A 373 1.82 -15.59 -15.56
CA GLY A 373 2.14 -16.93 -15.09
C GLY A 373 3.37 -17.56 -15.73
N ALA A 374 3.51 -17.42 -17.05
CA ALA A 374 4.60 -18.05 -17.78
C ALA A 374 5.94 -17.44 -17.39
N GLN A 375 5.94 -16.14 -17.17
CA GLN A 375 7.14 -15.42 -16.79
C GLN A 375 7.57 -15.81 -15.38
N LEU A 376 6.61 -16.11 -14.51
CA LEU A 376 6.90 -16.58 -13.17
C LEU A 376 7.38 -18.03 -13.13
N ALA A 377 6.77 -18.89 -13.94
CA ALA A 377 7.20 -20.29 -14.03
C ALA A 377 8.63 -20.40 -14.56
N ALA A 378 9.00 -19.46 -15.41
CA ALA A 378 10.33 -19.38 -15.98
C ALA A 378 11.42 -19.12 -14.95
N LEU A 379 11.06 -18.73 -13.73
CA LEU A 379 12.05 -18.55 -12.67
C LEU A 379 12.79 -19.84 -12.42
N ARG A 380 12.05 -20.95 -12.35
CA ARG A 380 12.64 -22.27 -12.20
C ARG A 380 11.70 -23.31 -12.78
N PRO A 381 11.80 -23.51 -14.09
CA PRO A 381 10.80 -24.30 -14.83
C PRO A 381 10.65 -25.71 -14.25
N GLU A 382 11.75 -26.28 -13.80
CA GLU A 382 11.77 -27.69 -13.42
C GLU A 382 10.87 -27.96 -12.21
N VAL A 383 10.61 -26.95 -11.39
CA VAL A 383 9.73 -27.11 -10.23
C VAL A 383 8.45 -26.27 -10.36
N ALA A 384 8.14 -25.83 -11.58
CA ALA A 384 6.99 -24.94 -11.82
C ALA A 384 5.82 -25.63 -12.54
N GLU A 385 4.61 -25.27 -12.14
CA GLU A 385 3.38 -25.56 -12.88
C GLU A 385 2.69 -24.23 -13.19
N GLN A 386 2.15 -24.10 -14.40
CA GLN A 386 1.40 -22.92 -14.79
C GLN A 386 -0.04 -23.30 -15.08
N THR A 387 -0.96 -22.51 -14.56
CA THR A 387 -2.38 -22.68 -14.79
C THR A 387 -2.91 -21.31 -15.21
N GLU A 388 -4.18 -21.25 -15.56
CA GLU A 388 -4.78 -19.98 -15.89
C GLU A 388 -5.19 -19.21 -14.64
N THR A 389 -5.81 -19.90 -13.69
CA THR A 389 -6.38 -19.23 -12.53
C THR A 389 -5.75 -19.73 -11.25
N MET A 390 -5.99 -18.99 -10.17
CA MET A 390 -5.51 -19.37 -8.86
C MET A 390 -6.26 -20.59 -8.35
N GLU A 391 -7.55 -20.68 -8.66
CA GLU A 391 -8.33 -21.85 -8.26
C GLU A 391 -7.79 -23.15 -8.88
N GLN A 392 -7.45 -23.11 -10.16
CA GLN A 392 -6.82 -24.24 -10.85
C GLN A 392 -5.48 -24.60 -10.21
N ALA A 393 -4.68 -23.60 -9.86
CA ALA A 393 -3.41 -23.85 -9.16
C ALA A 393 -3.61 -24.52 -7.79
N MET A 394 -4.59 -24.06 -7.03
CA MET A 394 -4.90 -24.62 -5.70
C MET A 394 -5.34 -26.07 -5.78
N ARG A 395 -6.22 -26.37 -6.73
CA ARG A 395 -6.72 -27.72 -6.87
C ARG A 395 -5.65 -28.64 -7.41
N LEU A 396 -4.66 -28.05 -8.08
CA LEU A 396 -3.49 -28.79 -8.56
C LEU A 396 -2.50 -29.13 -7.44
N LEU A 397 -2.20 -28.16 -6.58
CA LEU A 397 -1.25 -28.37 -5.50
C LEU A 397 -1.82 -29.17 -4.33
N ALA A 398 -3.11 -28.99 -4.04
CA ALA A 398 -3.69 -29.53 -2.80
C ALA A 398 -3.45 -31.05 -2.58
N PRO A 399 -3.62 -31.88 -3.63
CA PRO A 399 -3.34 -33.31 -3.46
C PRO A 399 -1.88 -33.62 -3.11
N ARG A 400 -0.99 -32.71 -3.45
CA ARG A 400 0.43 -32.95 -3.27
C ARG A 400 0.93 -32.55 -1.89
N VAL A 401 0.09 -31.85 -1.13
CA VAL A 401 0.49 -31.27 0.14
C VAL A 401 0.60 -32.35 1.20
N GLN A 402 1.73 -32.37 1.91
CA GLN A 402 2.02 -33.37 2.93
C GLN A 402 2.20 -32.68 4.29
N PRO A 403 2.00 -33.43 5.41
CA PRO A 403 2.26 -32.84 6.75
C PRO A 403 3.66 -32.21 6.84
N GLY A 404 3.70 -30.97 7.35
CA GLY A 404 4.96 -30.25 7.44
C GLY A 404 5.15 -29.23 6.32
N ASP A 405 4.37 -29.36 5.25
CA ASP A 405 4.46 -28.44 4.12
C ASP A 405 3.91 -27.06 4.49
N MET A 406 4.14 -26.08 3.64
CA MET A 406 3.48 -24.78 3.74
C MET A 406 2.88 -24.46 2.39
N VAL A 407 1.66 -23.92 2.38
CA VAL A 407 1.12 -23.34 1.15
C VAL A 407 1.08 -21.83 1.30
N LEU A 408 1.76 -21.13 0.42
CA LEU A 408 1.92 -19.69 0.55
C LEU A 408 1.44 -18.97 -0.70
N LEU A 409 0.40 -18.13 -0.54
CA LEU A 409 0.00 -17.19 -1.58
C LEU A 409 0.74 -15.89 -1.35
N SER A 410 1.81 -15.66 -2.13
CA SER A 410 2.57 -14.43 -2.03
C SER A 410 2.96 -14.01 -3.44
N PRO A 411 2.00 -13.46 -4.19
CA PRO A 411 2.02 -13.66 -5.64
C PRO A 411 2.97 -12.71 -6.41
N ALA A 412 3.50 -11.70 -5.72
CA ALA A 412 4.44 -10.74 -6.30
C ALA A 412 3.86 -9.89 -7.44
N CYS A 413 2.53 -9.87 -7.56
CA CYS A 413 1.82 -9.25 -8.67
C CYS A 413 0.54 -8.57 -8.19
N ALA A 414 0.04 -7.60 -8.94
CA ALA A 414 -1.33 -7.11 -8.75
C ALA A 414 -2.35 -8.21 -9.10
N SER A 415 -3.55 -8.11 -8.56
CA SER A 415 -4.60 -9.12 -8.75
C SER A 415 -5.55 -8.75 -9.87
N LEU A 416 -5.35 -7.56 -10.41
CA LEU A 416 -6.42 -6.87 -11.13
C LEU A 416 -6.70 -7.44 -12.53
N ASP A 417 -5.84 -8.32 -13.02
CA ASP A 417 -6.14 -9.02 -14.28
C ASP A 417 -7.27 -10.03 -14.11
N GLN A 418 -7.46 -10.56 -12.89
CA GLN A 418 -8.47 -11.60 -12.66
C GLN A 418 -9.41 -11.34 -11.50
N PHE A 419 -9.02 -10.44 -10.60
CA PHE A 419 -9.77 -10.16 -9.38
C PHE A 419 -10.13 -8.68 -9.27
N LYS A 420 -11.11 -8.40 -8.41
CA LYS A 420 -11.52 -7.05 -8.10
C LYS A 420 -10.38 -6.31 -7.43
N ASN A 421 -9.69 -7.00 -6.53
CA ASN A 421 -8.59 -6.44 -5.76
C ASN A 421 -7.90 -7.56 -5.00
N PHE A 422 -6.80 -7.23 -4.32
CA PHE A 422 -6.03 -8.24 -3.59
C PHE A 422 -6.82 -8.84 -2.42
N GLU A 423 -7.81 -8.11 -1.89
CA GLU A 423 -8.62 -8.66 -0.81
C GLU A 423 -9.50 -9.78 -1.33
N GLN A 424 -10.07 -9.61 -2.52
CA GLN A 424 -10.84 -10.67 -3.13
C GLN A 424 -9.98 -11.89 -3.42
N ARG A 425 -8.77 -11.66 -3.93
CA ARG A 425 -7.83 -12.74 -4.16
C ARG A 425 -7.51 -13.51 -2.86
N GLY A 426 -7.23 -12.78 -1.79
CA GLY A 426 -7.01 -13.39 -0.49
C GLY A 426 -8.21 -14.14 0.08
N ASN A 427 -9.41 -13.59 -0.10
CA ASN A 427 -10.62 -14.23 0.41
C ASN A 427 -10.88 -15.54 -0.33
N GLU A 428 -10.63 -15.54 -1.64
CA GLU A 428 -10.83 -16.73 -2.43
C GLU A 428 -9.82 -17.82 -2.10
N PHE A 429 -8.57 -17.42 -1.87
CA PHE A 429 -7.55 -18.32 -1.37
C PHE A 429 -7.98 -18.96 -0.06
N ALA A 430 -8.44 -18.15 0.90
CA ALA A 430 -8.82 -18.64 2.22
C ALA A 430 -10.01 -19.61 2.14
N ARG A 431 -10.96 -19.32 1.26
CA ARG A 431 -12.09 -20.21 1.00
C ARG A 431 -11.58 -21.57 0.45
N LEU A 432 -10.73 -21.49 -0.56
CA LEU A 432 -10.20 -22.70 -1.17
C LEU A 432 -9.30 -23.51 -0.21
N ALA A 433 -8.52 -22.83 0.63
CA ALA A 433 -7.69 -23.50 1.62
C ALA A 433 -8.57 -24.28 2.59
N LYS A 434 -9.64 -23.66 3.02
CA LYS A 434 -10.54 -24.31 3.94
C LYS A 434 -11.27 -25.47 3.29
N GLU A 435 -11.51 -25.38 1.98
CA GLU A 435 -12.08 -26.50 1.25
C GLU A 435 -11.11 -27.66 1.07
N LEU A 436 -9.87 -27.35 0.73
CA LEU A 436 -8.92 -28.35 0.27
C LEU A 436 -7.94 -28.83 1.35
N GLY A 437 -7.90 -28.15 2.49
CA GLY A 437 -6.89 -28.41 3.49
C GLY A 437 -7.39 -29.17 4.71
S SO4 B . 1.94 -3.58 4.09
O1 SO4 B . 1.53 -2.40 3.34
O2 SO4 B . 0.91 -4.53 4.17
O3 SO4 B . 2.24 -3.19 5.42
O4 SO4 B . 3.13 -4.15 3.44
C6 UAG C . -9.73 4.91 -12.82
C5 UAG C . -10.17 6.09 -13.34
C4 UAG C . -10.37 6.25 -14.78
O4 UAG C . -10.88 7.19 -15.35
N3 UAG C . -9.95 5.15 -15.53
C2 UAG C . -9.56 3.89 -15.02
O2 UAG C . -9.31 2.95 -15.80
N1 UAG C . -9.46 3.82 -13.62
C1B UAG C . -8.95 2.52 -13.07
C2B UAG C . -7.55 2.63 -12.44
O2' UAG C . -6.48 2.43 -13.37
C3B UAG C . -7.50 1.56 -11.35
O3B UAG C . -7.17 0.31 -12.01
C4B UAG C . -8.99 1.56 -10.90
O4B UAG C . -9.78 2.17 -11.97
C5B UAG C . -9.29 2.30 -9.63
O5B UAG C . -8.93 3.64 -9.84
PA UAG C . -9.53 4.73 -8.85
O1A UAG C . -8.62 5.94 -8.93
O2A UAG C . -10.98 4.87 -9.16
O3A UAG C . -9.37 3.99 -7.39
PB UAG C . -10.35 4.23 -6.03
O1B UAG C . -11.47 3.24 -5.94
O2B UAG C . -10.66 5.66 -5.88
C1' UAG C . -8.07 4.58 -4.76
O1' UAG C . -9.21 3.77 -5.01
C2' UAG C . -6.82 3.71 -4.64
N2' UAG C . -6.61 3.00 -5.89
C7' UAG C . -5.68 3.40 -6.76
O7' UAG C . -4.81 4.22 -6.48
C8' UAG C . -5.64 2.69 -8.11
C3' UAG C . -7.05 2.73 -3.47
O3' UAG C . -5.91 1.86 -3.25
C4' UAG C . -7.26 3.55 -2.20
O4' UAG C . -7.46 2.66 -1.10
C5' UAG C . -8.46 4.47 -2.35
O5' UAG C . -8.31 5.32 -3.55
C6' UAG C . -8.55 5.43 -1.17
O6' UAG C . -7.47 6.36 -1.16
C18 UAG C . -5.63 0.56 -3.84
C20 UAG C . -5.63 -0.60 -2.85
C19 UAG C . -4.76 0.57 -5.04
O18 UAG C . -5.14 0.08 -6.11
N4 UAG C . -3.72 1.40 -4.90
C21 UAG C . -2.70 1.59 -5.91
C23 UAG C . -1.47 2.31 -5.35
C22 UAG C . -2.29 0.30 -6.59
O19 UAG C . -2.10 0.28 -7.82
N5 UAG C . -2.29 -0.79 -5.83
C24 UAG C . -2.26 -2.10 -6.46
C25 UAG C . -3.18 -3.14 -5.80
C26 UAG C . -3.46 -4.29 -6.75
C27 UAG C . -4.40 -5.30 -6.18
O20 UAG C . -5.35 -4.93 -5.46
O21 UAG C . -4.22 -6.49 -6.53
C28 UAG C . -0.85 -2.63 -6.67
O22 UAG C . -0.45 -2.83 -7.84
O23 UAG C . -0.13 -2.73 -5.67
UNK UNX D . -5.10 -0.87 0.32
UNK UNX E . -2.28 -0.72 1.03
UNK UNX F . -1.17 -2.95 -0.28
UNK UNX G . -1.54 -1.45 -0.90
UNK UNX H . -3.46 -0.93 -0.14
UNK UNX I . -2.33 -2.43 -2.41
UNK UNX J . -1.81 -0.54 -2.97
UNK UNX K . -0.91 -2.39 -2.75
#